data_4LPT
#
_entry.id   4LPT
#
_cell.length_a   50.520
_cell.length_b   64.130
_cell.length_c   194.550
_cell.angle_alpha   90.00
_cell.angle_beta   90.00
_cell.angle_gamma   90.00
#
_symmetry.space_group_name_H-M   'P 21 21 21'
#
loop_
_entity.id
_entity.type
_entity.pdbx_description
1 polymer 'TENCON variant P54CR4-31'
2 water water
#
_entity_poly.entity_id   1
_entity_poly.type   'polypeptide(L)'
_entity_poly.pdbx_seq_one_letter_code
;MLPAPKNLVVSEVTEDSLRLSWTAPDAAFDSFLIQYQESEKVGEAINLTVPGSERSYDLTGLKPGTEYTVSIYGVLGSYV
FEHDVMLPLSAEFTTGGHHHHHH
;
_entity_poly.pdbx_strand_id   A,B,C,D,E,F
#
# COMPACT_ATOMS: atom_id res chain seq x y z
N PRO A 3 -6.74 -13.84 -7.86
CA PRO A 3 -6.90 -15.15 -8.48
C PRO A 3 -5.57 -15.92 -8.41
N ALA A 4 -5.45 -16.78 -7.40
CA ALA A 4 -4.19 -17.44 -7.11
C ALA A 4 -4.41 -18.85 -6.56
N PRO A 5 -3.38 -19.72 -6.65
CA PRO A 5 -3.49 -21.00 -5.98
C PRO A 5 -3.30 -20.79 -4.47
N LYS A 6 -4.04 -21.53 -3.66
CA LYS A 6 -3.97 -21.38 -2.20
C LYS A 6 -3.83 -22.73 -1.47
N ASN A 7 -3.52 -22.66 -0.18
CA ASN A 7 -3.65 -23.79 0.76
C ASN A 7 -2.77 -25.01 0.46
N LEU A 8 -1.47 -24.77 0.28
CA LEU A 8 -0.55 -25.84 0.00
C LEU A 8 -0.30 -26.67 1.26
N VAL A 9 -0.69 -27.94 1.20
CA VAL A 9 -0.57 -28.85 2.33
C VAL A 9 0.09 -30.15 1.86
N VAL A 10 0.67 -30.89 2.79
CA VAL A 10 1.27 -32.17 2.43
C VAL A 10 0.55 -33.31 3.17
N SER A 11 0.59 -34.50 2.58
CA SER A 11 0.03 -35.71 3.18
C SER A 11 0.73 -36.92 2.55
N GLU A 12 0.39 -38.13 3.01
CA GLU A 12 1.07 -39.36 2.54
C GLU A 12 2.58 -39.15 2.51
N VAL A 13 3.12 -38.59 3.58
CA VAL A 13 4.56 -38.41 3.73
C VAL A 13 5.21 -39.76 3.99
N THR A 14 6.22 -40.09 3.18
CA THR A 14 7.03 -41.29 3.39
C THR A 14 8.49 -40.87 3.44
N GLU A 15 9.42 -41.83 3.30
CA GLU A 15 10.84 -41.50 3.34
C GLU A 15 11.37 -40.95 2.03
N ASP A 16 10.60 -41.11 0.94
CA ASP A 16 11.04 -40.67 -0.38
C ASP A 16 9.90 -40.11 -1.25
N SER A 17 8.72 -39.94 -0.67
CA SER A 17 7.60 -39.32 -1.36
C SER A 17 6.79 -38.40 -0.43
N LEU A 18 6.11 -37.42 -1.04
CA LEU A 18 5.21 -36.48 -0.38
C LEU A 18 4.05 -36.18 -1.32
N ARG A 19 2.81 -36.28 -0.84
CA ARG A 19 1.68 -35.80 -1.64
C ARG A 19 1.33 -34.33 -1.34
N LEU A 20 1.51 -33.49 -2.37
CA LEU A 20 1.16 -32.07 -2.30
C LEU A 20 -0.28 -31.86 -2.72
N SER A 21 -0.96 -30.96 -2.02
CA SER A 21 -2.31 -30.59 -2.39
C SER A 21 -2.55 -29.11 -2.24
N TRP A 22 -3.31 -28.55 -3.17
CA TRP A 22 -3.61 -27.12 -3.16
C TRP A 22 -5.03 -26.82 -3.67
N THR A 23 -5.42 -25.55 -3.59
CA THR A 23 -6.73 -25.08 -4.06
C THR A 23 -6.50 -24.00 -5.08
N ALA A 24 -7.37 -23.94 -6.09
CA ALA A 24 -7.41 -22.83 -7.02
C ALA A 24 -8.80 -22.72 -7.62
N PRO A 25 -9.20 -21.50 -8.02
CA PRO A 25 -10.56 -21.34 -8.54
C PRO A 25 -10.72 -22.06 -9.87
N ASP A 26 -11.92 -22.62 -10.10
CA ASP A 26 -12.18 -23.52 -11.22
C ASP A 26 -11.83 -22.87 -12.57
N ALA A 27 -10.95 -23.55 -13.33
CA ALA A 27 -10.51 -23.12 -14.67
C ALA A 27 -9.92 -21.70 -14.76
N ALA A 28 -9.23 -21.27 -13.71
CA ALA A 28 -8.58 -19.96 -13.69
C ALA A 28 -7.21 -19.95 -14.39
N PHE A 29 -6.50 -21.08 -14.33
CA PHE A 29 -5.17 -21.18 -14.94
C PHE A 29 -5.13 -22.28 -16.00
N ASP A 30 -4.24 -22.09 -16.99
CA ASP A 30 -4.07 -23.10 -18.06
C ASP A 30 -3.36 -24.35 -17.53
N SER A 31 -2.41 -24.13 -16.62
CA SER A 31 -1.61 -25.17 -16.03
C SER A 31 -0.95 -24.58 -14.77
N PHE A 32 -0.24 -25.41 -14.01
CA PHE A 32 0.56 -24.94 -12.87
C PHE A 32 1.99 -25.34 -13.08
N LEU A 33 2.89 -24.46 -12.69
CA LEU A 33 4.28 -24.79 -12.60
C LEU A 33 4.57 -25.16 -11.15
N ILE A 34 5.14 -26.36 -10.94
CA ILE A 34 5.61 -26.76 -9.63
C ILE A 34 7.12 -26.84 -9.67
N GLN A 35 7.74 -26.00 -8.87
CA GLN A 35 9.16 -25.95 -8.85
C GLN A 35 9.56 -26.39 -7.47
N TYR A 36 10.47 -27.36 -7.39
CA TYR A 36 10.97 -27.80 -6.11
C TYR A 36 12.45 -28.12 -6.14
N GLN A 37 13.10 -28.01 -4.99
CA GLN A 37 14.44 -28.54 -4.79
C GLN A 37 14.69 -28.75 -3.29
N GLU A 38 15.83 -29.34 -2.94
CA GLU A 38 16.27 -29.42 -1.54
C GLU A 38 16.53 -28.00 -1.10
N SER A 39 16.26 -27.67 0.16
CA SER A 39 16.59 -26.34 0.68
C SER A 39 18.10 -26.16 0.69
N GLU A 40 18.58 -25.11 0.02
CA GLU A 40 20.01 -24.85 -0.18
C GLU A 40 20.23 -23.73 -1.20
N GLU A 44 20.09 -28.58 -7.53
CA GLU A 44 19.53 -28.20 -8.81
C GLU A 44 18.01 -28.28 -8.74
N ALA A 45 17.32 -27.21 -9.17
CA ALA A 45 15.87 -27.13 -9.11
C ALA A 45 15.19 -27.92 -10.23
N ILE A 46 14.03 -28.50 -9.91
CA ILE A 46 13.23 -29.27 -10.87
C ILE A 46 11.92 -28.56 -11.20
N ASN A 47 11.59 -28.42 -12.48
CA ASN A 47 10.29 -27.83 -12.88
C ASN A 47 9.29 -28.82 -13.45
N LEU A 48 8.17 -29.02 -12.74
CA LEU A 48 7.09 -29.84 -13.23
C LEU A 48 5.98 -28.92 -13.68
N THR A 49 5.36 -29.24 -14.81
CA THR A 49 4.13 -28.57 -15.20
C THR A 49 3.03 -29.61 -15.28
N VAL A 50 1.82 -29.23 -14.90
CA VAL A 50 0.68 -30.12 -14.90
C VAL A 50 -0.54 -29.31 -15.36
N PRO A 51 -1.60 -29.99 -15.81
CA PRO A 51 -2.79 -29.29 -16.30
C PRO A 51 -3.43 -28.37 -15.25
N GLY A 52 -4.17 -27.35 -15.71
CA GLY A 52 -4.78 -26.36 -14.84
C GLY A 52 -5.90 -26.91 -13.94
N SER A 53 -6.31 -28.15 -14.19
CA SER A 53 -7.40 -28.78 -13.46
C SER A 53 -6.91 -29.67 -12.33
N GLU A 54 -5.62 -29.61 -12.04
CA GLU A 54 -5.01 -30.47 -11.03
C GLU A 54 -4.96 -29.75 -9.69
N ARG A 55 -5.22 -30.50 -8.63
CA ARG A 55 -5.22 -29.94 -7.29
C ARG A 55 -4.33 -30.76 -6.34
N SER A 56 -3.65 -31.75 -6.91
CA SER A 56 -2.75 -32.60 -6.13
C SER A 56 -1.69 -33.25 -6.99
N TYR A 57 -0.50 -33.43 -6.41
CA TYR A 57 0.61 -34.13 -7.08
C TYR A 57 1.47 -34.91 -6.07
N ASP A 58 1.83 -36.14 -6.45
CA ASP A 58 2.69 -36.96 -5.60
C ASP A 58 4.17 -36.83 -6.02
N LEU A 59 4.93 -36.06 -5.25
CA LEU A 59 6.36 -35.95 -5.45
C LEU A 59 7.04 -37.22 -4.96
N THR A 60 7.66 -37.95 -5.88
CA THR A 60 8.38 -39.18 -5.56
C THR A 60 9.86 -39.00 -5.86
N GLY A 61 10.66 -40.02 -5.50
CA GLY A 61 12.09 -40.05 -5.82
C GLY A 61 12.96 -39.19 -4.92
N LEU A 62 12.40 -38.76 -3.79
CA LEU A 62 13.09 -37.86 -2.87
C LEU A 62 14.05 -38.59 -1.92
N LYS A 63 14.89 -37.80 -1.23
CA LYS A 63 15.80 -38.30 -0.20
C LYS A 63 15.09 -38.40 1.17
N PRO A 64 15.49 -39.39 2.01
CA PRO A 64 15.00 -39.52 3.39
C PRO A 64 15.42 -38.38 4.31
N GLY A 65 14.57 -38.04 5.27
CA GLY A 65 14.90 -37.00 6.26
C GLY A 65 15.42 -35.73 5.63
N THR A 66 14.75 -35.26 4.58
CA THR A 66 15.23 -34.10 3.82
C THR A 66 14.12 -33.09 3.60
N GLU A 67 14.48 -31.82 3.78
CA GLU A 67 13.57 -30.70 3.61
C GLU A 67 13.65 -30.16 2.20
N TYR A 68 12.48 -30.00 1.58
CA TYR A 68 12.35 -29.44 0.24
C TYR A 68 11.61 -28.12 0.23
N THR A 69 12.00 -27.26 -0.70
CA THR A 69 11.29 -26.03 -0.98
C THR A 69 10.45 -26.25 -2.25
N VAL A 70 9.13 -26.15 -2.07
CA VAL A 70 8.15 -26.36 -3.14
C VAL A 70 7.38 -25.07 -3.40
N SER A 71 7.37 -24.62 -4.65
CA SER A 71 6.60 -23.45 -5.06
C SER A 71 5.68 -23.85 -6.21
N ILE A 72 4.45 -23.36 -6.17
CA ILE A 72 3.46 -23.64 -7.20
C ILE A 72 2.97 -22.30 -7.78
N TYR A 73 2.98 -22.19 -9.10
CA TYR A 73 2.62 -20.94 -9.79
C TYR A 73 1.52 -21.17 -10.80
N GLY A 74 0.40 -20.47 -10.62
CA GLY A 74 -0.67 -20.51 -11.61
C GLY A 74 -0.21 -19.88 -12.92
N VAL A 75 -0.46 -20.56 -14.03
CA VAL A 75 0.01 -20.11 -15.33
C VAL A 75 -1.16 -19.77 -16.26
N LEU A 76 -1.13 -18.55 -16.78
CA LEU A 76 -2.08 -18.12 -17.80
C LEU A 76 -1.30 -17.84 -19.09
N GLY A 77 -1.57 -18.62 -20.13
CA GLY A 77 -0.80 -18.53 -21.37
C GLY A 77 0.62 -18.96 -21.11
N SER A 78 1.55 -18.05 -21.35
CA SER A 78 2.97 -18.24 -21.02
C SER A 78 3.39 -17.37 -19.82
N TYR A 79 2.39 -16.91 -19.07
CA TYR A 79 2.62 -15.94 -17.99
C TYR A 79 2.24 -16.37 -16.58
N VAL A 80 3.00 -15.87 -15.61
CA VAL A 80 2.61 -15.90 -14.21
C VAL A 80 2.45 -14.45 -13.72
N PHE A 81 1.45 -14.20 -12.89
CA PHE A 81 1.25 -12.90 -12.22
C PHE A 81 2.50 -12.42 -11.49
N GLU A 82 2.82 -11.15 -11.67
CA GLU A 82 3.88 -10.52 -10.91
C GLU A 82 3.73 -10.64 -9.39
N HIS A 83 2.49 -10.60 -8.88
CA HIS A 83 2.29 -10.76 -7.43
C HIS A 83 2.71 -12.18 -7.03
N ASP A 84 2.29 -13.17 -7.83
CA ASP A 84 2.63 -14.57 -7.58
C ASP A 84 4.13 -14.89 -7.72
N VAL A 85 4.89 -14.11 -8.51
CA VAL A 85 6.36 -14.29 -8.51
C VAL A 85 6.97 -13.67 -7.26
N MET A 86 6.45 -12.52 -6.84
CA MET A 86 7.01 -11.89 -5.63
C MET A 86 6.62 -12.65 -4.35
N LEU A 87 5.39 -13.15 -4.27
CA LEU A 87 4.96 -13.98 -3.15
C LEU A 87 4.25 -15.25 -3.63
N PRO A 88 5.02 -16.27 -4.05
CA PRO A 88 4.40 -17.50 -4.58
C PRO A 88 3.75 -18.32 -3.47
N LEU A 89 2.82 -19.20 -3.86
CA LEU A 89 2.43 -20.26 -2.97
C LEU A 89 3.66 -21.14 -2.77
N SER A 90 4.23 -21.10 -1.57
CA SER A 90 5.50 -21.73 -1.30
C SER A 90 5.57 -22.29 0.12
N ALA A 91 6.37 -23.34 0.28
CA ALA A 91 6.45 -24.06 1.54
C ALA A 91 7.64 -25.01 1.56
N GLU A 92 8.13 -25.29 2.76
CA GLU A 92 9.15 -26.31 2.97
C GLU A 92 8.46 -27.53 3.58
N PHE A 93 8.84 -28.72 3.12
CA PHE A 93 8.36 -29.96 3.70
C PHE A 93 9.51 -30.93 3.89
N THR A 94 9.40 -31.75 4.94
CA THR A 94 10.45 -32.69 5.28
C THR A 94 9.93 -34.12 5.19
N THR A 95 10.67 -34.95 4.47
CA THR A 95 10.35 -36.38 4.33
C THR A 95 10.52 -37.10 5.66
N GLY A 96 9.87 -38.26 5.77
CA GLY A 96 10.07 -39.18 6.88
C GLY A 96 11.47 -39.79 6.91
N GLY A 97 11.73 -40.58 7.96
CA GLY A 97 13.02 -41.26 8.15
C GLY A 97 14.07 -40.34 8.73
N HIS A 98 15.31 -40.83 8.78
CA HIS A 98 16.43 -40.08 9.38
C HIS A 98 17.71 -40.18 8.54
N LEU B 2 8.74 21.54 -16.73
CA LEU B 2 7.71 21.51 -15.64
C LEU B 2 8.08 20.54 -14.52
N PRO B 3 8.26 21.07 -13.28
CA PRO B 3 8.72 20.31 -12.11
C PRO B 3 7.94 19.02 -11.84
N ALA B 4 8.68 18.01 -11.37
CA ALA B 4 8.11 16.72 -11.00
C ALA B 4 9.02 16.02 -10.00
N PRO B 5 8.44 15.31 -9.01
CA PRO B 5 9.28 14.42 -8.23
C PRO B 5 9.78 13.28 -9.14
N LYS B 6 11.02 12.85 -8.91
CA LYS B 6 11.62 11.71 -9.63
C LYS B 6 12.42 10.81 -8.68
N ASN B 7 12.99 9.73 -9.22
CA ASN B 7 13.86 8.82 -8.47
C ASN B 7 13.23 8.29 -7.17
N LEU B 8 11.99 7.82 -7.26
CA LEU B 8 11.32 7.20 -6.12
C LEU B 8 12.02 5.87 -5.83
N VAL B 9 12.77 5.82 -4.74
CA VAL B 9 13.48 4.60 -4.36
C VAL B 9 13.00 4.01 -3.04
N VAL B 10 12.85 2.68 -3.03
CA VAL B 10 12.47 1.93 -1.84
C VAL B 10 13.71 1.30 -1.19
N SER B 11 14.05 1.74 0.01
CA SER B 11 15.23 1.23 0.72
C SER B 11 14.91 0.83 2.15
N GLU B 12 15.94 0.43 2.90
CA GLU B 12 15.80 -0.01 4.31
C GLU B 12 14.53 -0.84 4.62
N VAL B 13 14.12 -1.69 3.69
CA VAL B 13 12.90 -2.48 3.86
C VAL B 13 13.08 -3.49 5.00
N THR B 14 12.06 -3.59 5.85
CA THR B 14 12.02 -4.56 6.95
C THR B 14 10.75 -5.40 6.87
N GLU B 15 10.25 -5.84 8.02
CA GLU B 15 9.02 -6.64 8.04
C GLU B 15 7.79 -5.75 8.22
N ASP B 16 8.00 -4.56 8.77
CA ASP B 16 6.89 -3.66 9.08
C ASP B 16 7.14 -2.22 8.63
N SER B 17 8.33 -1.95 8.12
CA SER B 17 8.72 -0.61 7.73
C SER B 17 9.53 -0.57 6.41
N LEU B 18 9.69 0.64 5.85
CA LEU B 18 10.62 0.90 4.73
C LEU B 18 10.85 2.40 4.61
N ARG B 19 11.94 2.78 3.93
CA ARG B 19 12.24 4.18 3.67
C ARG B 19 11.97 4.58 2.21
N LEU B 20 11.17 5.63 2.02
CA LEU B 20 10.92 6.23 0.69
C LEU B 20 11.86 7.40 0.45
N SER B 21 12.29 7.58 -0.80
CA SER B 21 13.13 8.71 -1.20
C SER B 21 12.76 9.16 -2.58
N TRP B 22 12.86 10.45 -2.82
CA TRP B 22 12.52 10.99 -4.11
C TRP B 22 13.29 12.28 -4.37
N THR B 23 13.37 12.64 -5.65
CA THR B 23 14.07 13.81 -6.12
C THR B 23 13.05 14.85 -6.56
N ALA B 24 13.22 16.08 -6.13
CA ALA B 24 12.38 17.18 -6.58
C ALA B 24 13.19 18.48 -6.70
N PRO B 25 12.81 19.37 -7.64
CA PRO B 25 13.36 20.73 -7.65
C PRO B 25 13.04 21.48 -6.35
N ASP B 26 14.03 22.22 -5.84
CA ASP B 26 13.90 22.95 -4.57
C ASP B 26 12.83 24.02 -4.66
N ALA B 27 11.92 24.03 -3.68
CA ALA B 27 10.86 25.05 -3.58
C ALA B 27 10.00 25.19 -4.86
N ALA B 28 9.55 24.05 -5.40
CA ALA B 28 8.58 24.02 -6.50
C ALA B 28 7.27 23.35 -6.08
N PHE B 29 7.22 22.84 -4.86
CA PHE B 29 6.01 22.26 -4.30
C PHE B 29 5.79 22.70 -2.86
N ASP B 30 4.53 22.87 -2.47
CA ASP B 30 4.20 23.28 -1.11
C ASP B 30 4.24 22.07 -0.19
N SER B 31 3.84 20.93 -0.72
CA SER B 31 3.83 19.67 0.01
C SER B 31 3.96 18.49 -0.95
N PHE B 32 4.03 17.28 -0.39
CA PHE B 32 3.94 16.06 -1.18
C PHE B 32 2.79 15.21 -0.68
N LEU B 33 2.03 14.65 -1.61
CA LEU B 33 1.07 13.62 -1.26
C LEU B 33 1.69 12.27 -1.53
N ILE B 34 1.80 11.46 -0.48
CA ILE B 34 2.23 10.06 -0.61
C ILE B 34 1.01 9.21 -0.37
N GLN B 35 0.79 8.26 -1.27
CA GLN B 35 -0.38 7.43 -1.23
C GLN B 35 0.05 5.97 -1.41
N TYR B 36 -0.30 5.12 -0.46
CA TYR B 36 -0.03 3.70 -0.57
C TYR B 36 -1.26 2.86 -0.21
N GLN B 37 -1.19 1.59 -0.57
CA GLN B 37 -2.21 0.61 -0.22
C GLN B 37 -1.60 -0.75 -0.49
N GLU B 38 -2.26 -1.80 -0.02
CA GLU B 38 -1.91 -3.15 -0.41
C GLU B 38 -2.36 -3.35 -1.86
N SER B 39 -1.49 -3.91 -2.69
CA SER B 39 -1.79 -4.14 -4.11
C SER B 39 -2.97 -5.09 -4.31
N GLU B 40 -3.09 -6.06 -3.41
CA GLU B 40 -4.12 -7.08 -3.49
C GLU B 40 -5.47 -6.54 -3.00
N LYS B 41 -5.46 -5.81 -1.89
CA LYS B 41 -6.69 -5.35 -1.22
C LYS B 41 -7.53 -4.47 -2.13
N VAL B 42 -8.82 -4.81 -2.20
CA VAL B 42 -9.79 -4.09 -3.02
C VAL B 42 -10.44 -3.00 -2.14
N GLY B 43 -10.14 -1.74 -2.45
CA GLY B 43 -10.70 -0.63 -1.69
C GLY B 43 -9.92 0.65 -1.78
N GLU B 44 -9.83 1.35 -0.65
CA GLU B 44 -9.27 2.69 -0.60
C GLU B 44 -7.82 2.72 -0.14
N ALA B 45 -7.09 3.72 -0.62
CA ALA B 45 -5.69 3.91 -0.29
C ALA B 45 -5.47 4.63 1.05
N ILE B 46 -4.21 4.75 1.44
CA ILE B 46 -3.85 5.53 2.62
C ILE B 46 -3.10 6.79 2.17
N ASN B 47 -3.54 7.97 2.64
CA ASN B 47 -2.96 9.26 2.24
C ASN B 47 -2.21 10.00 3.32
N LEU B 48 -0.97 10.37 3.00
CA LEU B 48 -0.09 11.14 3.88
C LEU B 48 0.32 12.36 3.12
N THR B 49 0.33 13.51 3.78
CA THR B 49 0.97 14.68 3.19
C THR B 49 2.19 15.03 4.02
N VAL B 50 3.22 15.51 3.34
CA VAL B 50 4.47 15.90 3.99
C VAL B 50 4.95 17.21 3.38
N PRO B 51 5.59 18.08 4.18
CA PRO B 51 6.14 19.36 3.68
C PRO B 51 6.98 19.23 2.41
N GLY B 52 6.95 20.28 1.58
CA GLY B 52 7.64 20.29 0.29
C GLY B 52 9.15 20.27 0.36
N SER B 53 9.67 20.38 1.58
CA SER B 53 11.12 20.36 1.79
C SER B 53 11.62 18.95 2.09
N GLU B 54 10.69 18.01 2.33
CA GLU B 54 11.02 16.59 2.55
C GLU B 54 11.39 15.85 1.25
N ARG B 55 12.37 14.97 1.36
CA ARG B 55 12.79 14.12 0.25
C ARG B 55 12.85 12.65 0.68
N SER B 56 12.28 12.34 1.85
CA SER B 56 12.24 10.98 2.37
C SER B 56 11.20 10.82 3.46
N TYR B 57 10.48 9.71 3.40
CA TYR B 57 9.55 9.33 4.45
C TYR B 57 9.79 7.88 4.83
N ASP B 58 9.46 7.55 6.08
CA ASP B 58 9.49 6.17 6.53
C ASP B 58 8.06 5.70 6.70
N LEU B 59 7.61 4.81 5.82
CA LEU B 59 6.36 4.11 6.07
C LEU B 59 6.66 3.08 7.15
N THR B 60 5.69 2.91 8.03
CA THR B 60 5.79 2.06 9.21
C THR B 60 4.41 1.43 9.41
N GLY B 61 4.32 0.42 10.27
CA GLY B 61 3.05 -0.26 10.54
C GLY B 61 2.55 -1.09 9.38
N LEU B 62 3.49 -1.54 8.54
CA LEU B 62 3.11 -2.34 7.39
C LEU B 62 3.08 -3.83 7.76
N LYS B 63 2.21 -4.57 7.07
CA LYS B 63 2.06 -5.99 7.31
C LYS B 63 3.22 -6.75 6.65
N PRO B 64 3.76 -7.77 7.34
CA PRO B 64 4.85 -8.59 6.81
C PRO B 64 4.42 -9.46 5.62
N GLY B 65 5.37 -9.75 4.73
CA GLY B 65 5.10 -10.48 3.49
C GLY B 65 3.88 -9.97 2.75
N THR B 66 3.77 -8.64 2.61
CA THR B 66 2.64 -8.04 1.89
C THR B 66 3.13 -7.15 0.76
N GLU B 67 2.45 -7.21 -0.37
CA GLU B 67 2.79 -6.33 -1.48
C GLU B 67 2.03 -5.02 -1.39
N TYR B 68 2.79 -3.92 -1.36
CA TYR B 68 2.24 -2.57 -1.40
C TYR B 68 2.52 -1.83 -2.72
N THR B 69 1.66 -0.86 -3.02
CA THR B 69 1.90 0.10 -4.08
C THR B 69 1.90 1.49 -3.46
N VAL B 70 2.95 2.25 -3.75
CA VAL B 70 3.09 3.61 -3.26
C VAL B 70 3.28 4.59 -4.42
N SER B 71 2.54 5.70 -4.38
CA SER B 71 2.71 6.80 -5.34
C SER B 71 3.04 8.09 -4.61
N ILE B 72 3.66 9.02 -5.33
CA ILE B 72 3.97 10.33 -4.79
C ILE B 72 3.62 11.42 -5.81
N TYR B 73 2.92 12.45 -5.33
CA TYR B 73 2.52 13.59 -6.17
C TYR B 73 2.95 14.90 -5.54
N GLY B 74 3.55 15.76 -6.37
CA GLY B 74 3.90 17.11 -5.95
C GLY B 74 2.64 17.95 -5.86
N VAL B 75 2.45 18.64 -4.74
CA VAL B 75 1.29 19.52 -4.56
C VAL B 75 1.72 20.99 -4.56
N LEU B 76 0.98 21.81 -5.32
CA LEU B 76 1.30 23.23 -5.50
C LEU B 76 0.01 23.99 -5.33
N GLY B 77 -0.13 24.64 -4.19
CA GLY B 77 -1.41 25.21 -3.81
C GLY B 77 -2.31 24.05 -3.39
N SER B 78 -3.50 24.00 -3.95
CA SER B 78 -4.44 22.91 -3.66
C SER B 78 -4.45 21.86 -4.79
N TYR B 79 -3.47 21.97 -5.68
CA TYR B 79 -3.51 21.29 -6.97
C TYR B 79 -2.38 20.29 -7.23
N VAL B 80 -2.73 19.18 -7.86
CA VAL B 80 -1.76 18.28 -8.48
C VAL B 80 -1.83 18.50 -10.00
N PHE B 81 -0.70 18.38 -10.68
CA PHE B 81 -0.67 18.43 -12.14
C PHE B 81 -1.41 17.21 -12.67
N GLU B 82 -2.30 17.41 -13.64
CA GLU B 82 -2.99 16.31 -14.31
C GLU B 82 -2.09 15.19 -14.88
N HIS B 83 -0.99 15.55 -15.54
CA HIS B 83 -0.09 14.54 -16.11
C HIS B 83 0.54 13.64 -15.03
N ASP B 84 0.76 14.20 -13.83
CA ASP B 84 1.18 13.39 -12.69
C ASP B 84 0.08 12.41 -12.23
N VAL B 85 -1.19 12.72 -12.49
CA VAL B 85 -2.27 11.77 -12.18
C VAL B 85 -2.34 10.71 -13.28
N MET B 86 -1.93 11.07 -14.50
CA MET B 86 -2.00 10.16 -15.64
C MET B 86 -0.81 9.20 -15.67
N LEU B 87 0.33 9.67 -15.16
CA LEU B 87 1.60 8.95 -15.21
C LEU B 87 2.30 9.19 -13.87
N PRO B 88 1.79 8.56 -12.79
CA PRO B 88 2.28 8.95 -11.47
C PRO B 88 3.66 8.40 -11.21
N LEU B 89 4.40 9.02 -10.30
CA LEU B 89 5.62 8.41 -9.80
C LEU B 89 5.24 7.28 -8.84
N SER B 90 5.65 6.06 -9.16
CA SER B 90 5.19 4.88 -8.44
C SER B 90 6.30 3.90 -8.09
N ALA B 91 6.02 3.01 -7.15
CA ALA B 91 6.89 1.89 -6.84
C ALA B 91 6.04 0.81 -6.23
N GLU B 92 6.48 -0.44 -6.40
CA GLU B 92 5.83 -1.57 -5.77
C GLU B 92 6.90 -2.28 -4.99
N PHE B 93 6.52 -2.79 -3.83
CA PHE B 93 7.48 -3.47 -2.99
C PHE B 93 6.78 -4.52 -2.14
N THR B 94 7.61 -5.32 -1.48
CA THR B 94 7.17 -6.35 -0.59
C THR B 94 8.00 -6.15 0.68
N THR B 95 7.33 -6.14 1.82
CA THR B 95 8.02 -6.18 3.11
C THR B 95 8.68 -7.56 3.28
N GLY B 96 9.71 -7.63 4.12
CA GLY B 96 10.28 -8.92 4.53
C GLY B 96 9.30 -9.74 5.35
N GLY B 97 9.78 -10.86 5.90
CA GLY B 97 8.94 -11.73 6.76
C GLY B 97 7.99 -12.69 6.04
N HIS B 98 7.36 -13.57 6.84
CA HIS B 98 6.62 -14.75 6.35
C HIS B 98 5.16 -14.50 5.89
N HIS B 99 4.25 -14.31 6.85
CA HIS B 99 2.80 -14.40 6.62
C HIS B 99 2.26 -13.24 5.79
N MET C 1 13.23 14.59 6.44
CA MET C 1 13.28 13.58 7.55
C MET C 1 12.79 14.16 8.88
N LEU C 2 11.50 14.49 8.93
CA LEU C 2 10.84 14.99 10.14
C LEU C 2 10.54 13.83 11.10
N PRO C 3 10.82 14.00 12.41
CA PRO C 3 10.70 12.87 13.34
C PRO C 3 9.26 12.42 13.64
N ALA C 4 9.14 11.14 14.01
CA ALA C 4 7.87 10.55 14.41
C ALA C 4 8.09 9.44 15.45
N PRO C 5 7.12 9.23 16.36
CA PRO C 5 7.21 8.02 17.17
C PRO C 5 6.80 6.80 16.34
N LYS C 6 7.29 5.63 16.71
CA LYS C 6 6.95 4.38 16.02
C LYS C 6 7.10 3.20 16.97
N ASN C 7 6.54 2.05 16.58
CA ASN C 7 6.67 0.79 17.32
C ASN C 7 6.00 0.81 18.70
N LEU C 8 4.73 1.15 18.71
CA LEU C 8 3.93 1.08 19.90
C LEU C 8 3.72 -0.39 20.26
N VAL C 9 4.31 -0.81 21.37
CA VAL C 9 4.17 -2.19 21.85
C VAL C 9 3.33 -2.21 23.13
N VAL C 10 2.21 -2.91 23.08
CA VAL C 10 1.40 -3.17 24.27
C VAL C 10 1.75 -4.52 24.97
N SER C 11 2.17 -4.44 26.23
CA SER C 11 2.53 -5.62 27.03
C SER C 11 1.97 -5.52 28.46
N GLU C 12 2.29 -6.53 29.29
CA GLU C 12 1.79 -6.64 30.67
C GLU C 12 0.26 -6.51 30.77
N VAL C 13 -0.46 -7.08 29.81
CA VAL C 13 -1.92 -6.98 29.78
C VAL C 13 -2.61 -7.80 30.89
N THR C 14 -3.35 -7.11 31.75
CA THR C 14 -4.20 -7.76 32.77
C THR C 14 -5.63 -7.39 32.45
N GLU C 15 -6.55 -7.71 33.36
CA GLU C 15 -7.96 -7.24 33.29
C GLU C 15 -8.11 -5.71 33.31
N ASP C 16 -7.12 -4.99 33.82
CA ASP C 16 -7.31 -3.55 34.06
C ASP C 16 -6.06 -2.72 33.91
N SER C 17 -4.95 -3.37 33.59
CA SER C 17 -3.72 -2.66 33.37
C SER C 17 -3.04 -3.16 32.09
N LEU C 18 -2.00 -2.46 31.67
CA LEU C 18 -1.16 -2.84 30.54
C LEU C 18 -0.04 -1.81 30.45
N ARG C 19 1.05 -2.18 29.80
CA ARG C 19 2.14 -1.27 29.56
C ARG C 19 2.19 -0.84 28.10
N LEU C 20 2.44 0.44 27.87
CA LEU C 20 2.70 0.99 26.55
C LEU C 20 4.17 1.26 26.40
N SER C 21 4.71 0.95 25.22
CA SER C 21 6.12 1.21 24.91
C SER C 21 6.26 1.68 23.48
N TRP C 22 7.21 2.58 23.25
CA TRP C 22 7.36 3.19 21.94
C TRP C 22 8.77 3.71 21.73
N THR C 23 9.08 3.98 20.47
CA THR C 23 10.36 4.51 20.03
C THR C 23 10.17 5.91 19.49
N ALA C 24 11.10 6.79 19.83
CA ALA C 24 11.13 8.16 19.32
C ALA C 24 12.57 8.70 19.37
N PRO C 25 12.96 9.51 18.37
CA PRO C 25 14.35 10.02 18.39
C PRO C 25 14.60 10.91 19.61
N ASP C 26 15.83 10.87 20.13
CA ASP C 26 16.19 11.66 21.31
C ASP C 26 15.96 13.17 21.10
N ALA C 27 15.32 13.79 22.10
CA ALA C 27 15.08 15.25 22.19
C ALA C 27 14.27 15.88 21.05
N ALA C 28 13.42 15.11 20.39
CA ALA C 28 12.64 15.62 19.26
C ALA C 28 11.33 16.25 19.68
N PHE C 29 10.69 15.69 20.71
CA PHE C 29 9.36 16.12 21.13
C PHE C 29 9.36 16.75 22.53
N ASP C 30 8.49 17.74 22.73
CA ASP C 30 8.31 18.37 24.03
C ASP C 30 7.65 17.41 25.01
N SER C 31 6.53 16.82 24.58
CA SER C 31 5.72 15.94 25.38
C SER C 31 5.19 14.83 24.48
N PHE C 32 4.47 13.87 25.08
CA PHE C 32 3.64 12.96 24.31
C PHE C 32 2.21 13.03 24.80
N LEU C 33 1.28 13.13 23.87
CA LEU C 33 -0.13 13.04 24.20
C LEU C 33 -0.54 11.61 23.98
N ILE C 34 -1.11 11.01 25.02
CA ILE C 34 -1.62 9.65 24.97
C ILE C 34 -3.14 9.73 25.10
N GLN C 35 -3.83 9.20 24.10
CA GLN C 35 -5.26 9.24 24.08
C GLN C 35 -5.79 7.83 23.92
N TYR C 36 -6.76 7.47 24.76
CA TYR C 36 -7.42 6.18 24.60
C TYR C 36 -8.90 6.26 24.90
N GLN C 37 -9.66 5.32 24.33
CA GLN C 37 -11.06 5.14 24.66
C GLN C 37 -11.61 3.80 24.19
N GLU C 38 -12.69 3.36 24.84
CA GLU C 38 -13.46 2.20 24.42
C GLU C 38 -13.87 2.36 22.96
N SER C 39 -13.72 1.29 22.20
CA SER C 39 -14.01 1.30 20.76
C SER C 39 -15.49 1.56 20.44
N GLU C 40 -16.37 1.37 21.41
CA GLU C 40 -17.82 1.48 21.21
C GLU C 40 -18.43 2.78 21.77
N GLY C 43 -19.98 7.23 26.96
CA GLY C 43 -18.72 7.74 27.48
C GLY C 43 -17.94 8.59 26.49
N GLU C 44 -16.63 8.72 26.74
CA GLU C 44 -15.71 9.33 25.77
C GLU C 44 -14.24 9.09 26.17
N ALA C 45 -13.34 10.01 25.84
CA ALA C 45 -11.91 9.78 25.87
C ALA C 45 -11.21 10.04 27.20
N ILE C 46 -9.98 9.52 27.31
CA ILE C 46 -9.08 9.80 28.40
C ILE C 46 -7.81 10.37 27.76
N ASN C 47 -7.41 11.58 28.16
CA ASN C 47 -6.17 12.16 27.64
C ASN C 47 -5.11 12.30 28.73
N LEU C 48 -3.88 11.87 28.43
CA LEU C 48 -2.73 11.99 29.34
C LEU C 48 -1.65 12.74 28.59
N THR C 49 -0.76 13.42 29.32
CA THR C 49 0.45 13.96 28.73
C THR C 49 1.63 13.49 29.54
N VAL C 50 2.73 13.22 28.85
CA VAL C 50 3.95 12.75 29.49
C VAL C 50 5.15 13.45 28.82
N PRO C 51 6.25 13.67 29.57
CA PRO C 51 7.44 14.35 29.02
C PRO C 51 7.94 13.72 27.71
N GLY C 52 8.60 14.53 26.87
CA GLY C 52 9.18 14.06 25.60
C GLY C 52 10.28 13.01 25.73
N SER C 53 10.72 12.79 26.97
CA SER C 53 11.82 11.88 27.27
C SER C 53 11.31 10.50 27.67
N GLU C 54 10.00 10.33 27.60
CA GLU C 54 9.36 9.08 28.00
C GLU C 54 9.24 8.11 26.83
N ARG C 55 9.47 6.84 27.11
CA ARG C 55 9.37 5.79 26.09
C ARG C 55 8.48 4.62 26.49
N SER C 56 7.88 4.71 27.69
CA SER C 56 6.85 3.77 28.15
C SER C 56 5.87 4.42 29.14
N TYR C 57 4.74 3.76 29.39
CA TYR C 57 3.71 4.25 30.32
C TYR C 57 2.76 3.14 30.72
N ASP C 58 2.44 3.06 32.01
CA ASP C 58 1.51 2.03 32.49
C ASP C 58 0.09 2.56 32.52
N LEU C 59 -0.78 1.97 31.73
CA LEU C 59 -2.21 2.25 31.81
C LEU C 59 -2.83 1.44 32.94
N THR C 60 -3.67 2.10 33.74
CA THR C 60 -4.40 1.43 34.83
C THR C 60 -5.82 1.93 34.76
N GLY C 61 -6.74 1.17 35.36
CA GLY C 61 -8.13 1.57 35.48
C GLY C 61 -9.02 1.14 34.34
N LEU C 62 -8.57 0.18 33.54
CA LEU C 62 -9.32 -0.24 32.36
C LEU C 62 -10.46 -1.18 32.75
N LYS C 63 -11.52 -1.19 31.94
CA LYS C 63 -12.61 -2.14 32.14
C LYS C 63 -12.14 -3.53 31.73
N PRO C 64 -12.44 -4.55 32.54
CA PRO C 64 -12.24 -5.93 32.10
C PRO C 64 -12.93 -6.27 30.77
N GLY C 65 -12.26 -7.10 29.96
CA GLY C 65 -12.87 -7.73 28.78
C GLY C 65 -13.47 -6.74 27.81
N THR C 66 -12.70 -5.69 27.52
CA THR C 66 -13.21 -4.56 26.78
C THR C 66 -12.21 -4.14 25.70
N GLU C 67 -12.74 -3.76 24.54
CA GLU C 67 -11.91 -3.28 23.45
C GLU C 67 -11.72 -1.77 23.57
N TYR C 68 -10.46 -1.36 23.47
CA TYR C 68 -10.04 0.05 23.53
C TYR C 68 -9.16 0.33 22.32
N THR C 69 -8.96 1.62 22.03
CA THR C 69 -8.00 2.07 21.02
C THR C 69 -7.12 3.09 21.71
N VAL C 70 -5.82 2.98 21.50
CA VAL C 70 -4.86 3.90 22.09
C VAL C 70 -4.02 4.52 20.97
N SER C 71 -3.82 5.83 21.04
CA SER C 71 -2.95 6.52 20.11
C SER C 71 -2.01 7.43 20.88
N ILE C 72 -0.80 7.60 20.35
CA ILE C 72 0.16 8.51 20.96
C ILE C 72 0.65 9.54 19.96
N TYR C 73 0.71 10.79 20.39
CA TYR C 73 1.10 11.85 19.50
C TYR C 73 2.32 12.55 20.03
N GLY C 74 3.27 12.78 19.14
CA GLY C 74 4.45 13.57 19.47
C GLY C 74 3.99 15.01 19.46
N VAL C 75 4.45 15.78 20.43
CA VAL C 75 4.01 17.16 20.59
C VAL C 75 5.24 18.08 20.54
N LEU C 76 5.15 19.13 19.72
CA LEU C 76 6.23 20.11 19.61
C LEU C 76 5.61 21.50 19.74
N GLY C 77 5.88 22.15 20.86
CA GLY C 77 5.19 23.38 21.21
C GLY C 77 3.76 23.00 21.54
N SER C 78 2.83 23.52 20.75
CA SER C 78 1.40 23.26 20.92
C SER C 78 0.92 22.49 19.69
N TYR C 79 1.86 21.93 18.95
CA TYR C 79 1.55 21.35 17.65
C TYR C 79 1.82 19.86 17.58
N VAL C 80 1.16 19.25 16.61
CA VAL C 80 1.36 17.86 16.25
C VAL C 80 1.52 17.85 14.73
N PHE C 81 2.53 17.14 14.24
CA PHE C 81 2.65 16.94 12.80
C PHE C 81 1.36 16.40 12.24
N GLU C 82 0.84 17.04 11.21
CA GLU C 82 -0.37 16.55 10.54
C GLU C 82 -0.31 15.07 10.12
N HIS C 83 0.86 14.60 9.67
CA HIS C 83 0.97 13.19 9.28
C HIS C 83 0.76 12.24 10.45
N ASP C 84 1.12 12.69 11.67
CA ASP C 84 0.83 11.94 12.90
C ASP C 84 -0.67 11.86 13.22
N VAL C 85 -1.45 12.80 12.70
CA VAL C 85 -2.91 12.75 12.85
C VAL C 85 -3.51 11.96 11.69
N MET C 86 -2.89 12.10 10.52
CA MET C 86 -3.24 11.32 9.34
C MET C 86 -2.95 9.83 9.54
N LEU C 87 -1.71 9.52 9.90
CA LEU C 87 -1.30 8.16 10.27
C LEU C 87 -0.89 8.05 11.76
N PRO C 88 -1.89 7.86 12.65
CA PRO C 88 -1.55 7.94 14.08
C PRO C 88 -0.85 6.70 14.59
N LEU C 89 0.20 6.88 15.39
CA LEU C 89 0.77 5.74 16.11
C LEU C 89 -0.29 5.19 17.09
N SER C 90 -0.88 4.06 16.71
CA SER C 90 -2.09 3.51 17.31
C SER C 90 -1.98 2.02 17.56
N ALA C 91 -2.76 1.55 18.53
CA ALA C 91 -2.85 0.14 18.83
C ALA C 91 -4.27 -0.16 19.26
N GLU C 92 -4.76 -1.33 18.86
CA GLU C 92 -6.02 -1.82 19.38
C GLU C 92 -5.78 -3.02 20.30
N PHE C 93 -6.58 -3.15 21.35
CA PHE C 93 -6.43 -4.23 22.33
C PHE C 93 -7.72 -4.45 23.06
N THR C 94 -7.93 -5.70 23.49
CA THR C 94 -8.98 -6.06 24.41
C THR C 94 -8.24 -6.43 25.68
N THR C 95 -8.65 -5.86 26.80
CA THR C 95 -8.03 -6.18 28.10
C THR C 95 -8.46 -7.59 28.49
N GLY C 96 -7.76 -8.18 29.47
CA GLY C 96 -8.13 -9.50 29.99
C GLY C 96 -9.53 -9.52 30.58
N GLY C 97 -9.97 -10.70 31.02
CA GLY C 97 -11.28 -10.82 31.67
C GLY C 97 -12.42 -11.20 30.75
N HIS C 98 -13.53 -11.62 31.36
CA HIS C 98 -14.70 -12.11 30.63
C HIS C 98 -15.51 -10.96 30.02
N HIS C 99 -15.82 -11.10 28.73
CA HIS C 99 -16.56 -10.09 27.95
C HIS C 99 -18.00 -10.54 27.78
N LYS D 6 20.88 -11.46 -19.85
CA LYS D 6 21.79 -12.64 -19.98
C LYS D 6 22.85 -12.67 -18.87
N ASN D 7 23.27 -11.48 -18.43
CA ASN D 7 24.24 -11.34 -17.36
C ASN D 7 23.63 -10.55 -16.20
N LEU D 8 23.77 -11.07 -14.98
CA LEU D 8 23.43 -10.33 -13.75
C LEU D 8 24.68 -10.11 -12.91
N VAL D 9 25.35 -9.00 -13.15
CA VAL D 9 26.64 -8.70 -12.51
C VAL D 9 26.47 -8.07 -11.13
N VAL D 10 27.06 -8.73 -10.14
CA VAL D 10 27.19 -8.22 -8.77
C VAL D 10 28.60 -7.65 -8.54
N SER D 11 28.65 -6.38 -8.11
CA SER D 11 29.89 -5.63 -7.97
C SER D 11 29.79 -4.64 -6.82
N GLU D 12 30.91 -4.00 -6.47
CA GLU D 12 30.96 -3.01 -5.39
C GLU D 12 30.33 -3.49 -4.07
N VAL D 13 30.60 -4.76 -3.73
CA VAL D 13 30.06 -5.35 -2.50
C VAL D 13 30.77 -4.81 -1.27
N THR D 14 30.01 -4.17 -0.38
CA THR D 14 30.57 -3.71 0.90
C THR D 14 30.02 -4.57 2.04
N GLU D 15 29.94 -3.97 3.23
CA GLU D 15 29.33 -4.61 4.38
C GLU D 15 27.81 -4.59 4.32
N ASP D 16 27.26 -3.50 3.77
CA ASP D 16 25.83 -3.20 3.91
C ASP D 16 25.15 -2.85 2.59
N SER D 17 25.93 -2.74 1.52
CA SER D 17 25.37 -2.34 0.22
C SER D 17 26.00 -3.11 -0.95
N LEU D 18 25.42 -2.93 -2.13
CA LEU D 18 25.63 -3.83 -3.24
C LEU D 18 25.10 -3.21 -4.54
N ARG D 19 25.83 -3.36 -5.64
CA ARG D 19 25.38 -2.85 -6.94
C ARG D 19 25.07 -3.96 -7.93
N LEU D 20 23.86 -3.91 -8.49
CA LEU D 20 23.39 -4.91 -9.46
C LEU D 20 23.38 -4.36 -10.88
N SER D 21 23.88 -5.13 -11.85
CA SER D 21 23.81 -4.74 -13.27
C SER D 21 23.19 -5.85 -14.10
N TRP D 22 22.36 -5.49 -15.06
CA TRP D 22 21.75 -6.48 -15.94
C TRP D 22 21.63 -6.01 -17.38
N THR D 23 20.93 -6.79 -18.19
CA THR D 23 20.73 -6.53 -19.61
C THR D 23 19.34 -6.97 -20.05
N ALA D 24 18.66 -6.06 -20.74
CA ALA D 24 17.44 -6.37 -21.42
C ALA D 24 17.50 -5.63 -22.75
N PRO D 25 16.79 -6.15 -23.77
CA PRO D 25 16.66 -5.39 -25.02
C PRO D 25 15.96 -4.04 -24.75
N ASP D 26 16.18 -3.06 -25.63
CA ASP D 26 15.61 -1.72 -25.48
C ASP D 26 14.09 -1.82 -25.31
N ALA D 27 13.58 -1.25 -24.21
CA ALA D 27 12.13 -1.08 -23.96
C ALA D 27 11.31 -2.37 -23.95
N ALA D 28 11.96 -3.47 -23.58
CA ALA D 28 11.29 -4.78 -23.63
C ALA D 28 10.32 -4.93 -22.47
N PHE D 29 10.69 -4.35 -21.34
CA PHE D 29 9.91 -4.51 -20.12
C PHE D 29 9.45 -3.16 -19.57
N ASP D 30 8.22 -3.10 -19.04
CA ASP D 30 7.72 -1.97 -18.26
C ASP D 30 8.58 -1.76 -17.03
N SER D 31 9.03 -2.86 -16.42
CA SER D 31 9.83 -2.79 -15.20
C SER D 31 10.64 -4.05 -14.95
N PHE D 32 11.43 -3.98 -13.87
CA PHE D 32 12.20 -5.12 -13.39
C PHE D 32 11.88 -5.44 -11.91
N LEU D 33 11.57 -6.72 -11.65
CA LEU D 33 11.39 -7.21 -10.29
C LEU D 33 12.71 -7.67 -9.71
N ILE D 34 13.15 -7.00 -8.65
CA ILE D 34 14.37 -7.37 -7.97
C ILE D 34 14.01 -8.06 -6.64
N GLN D 35 14.35 -9.34 -6.54
CA GLN D 35 14.07 -10.15 -5.34
C GLN D 35 15.37 -10.57 -4.71
N TYR D 36 15.47 -10.45 -3.39
CA TYR D 36 16.65 -10.91 -2.69
C TYR D 36 16.34 -11.45 -1.30
N GLN D 37 17.11 -12.43 -0.84
CA GLN D 37 17.01 -12.93 0.53
C GLN D 37 18.29 -13.58 1.06
N GLU D 38 18.44 -13.59 2.39
CA GLU D 38 19.54 -14.32 3.03
C GLU D 38 19.45 -15.78 2.60
N SER D 39 20.57 -16.37 2.23
CA SER D 39 20.60 -17.76 1.79
C SER D 39 20.06 -18.69 2.88
N GLU D 40 20.38 -18.35 4.13
CA GLU D 40 19.98 -19.11 5.33
C GLU D 40 18.47 -19.18 5.53
N LYS D 41 17.75 -18.17 5.05
CA LYS D 41 16.29 -18.07 5.21
C LYS D 41 15.53 -18.54 3.97
N VAL D 42 14.31 -19.02 4.17
CA VAL D 42 13.44 -19.46 3.07
C VAL D 42 12.03 -18.89 3.28
N GLY D 43 11.47 -18.31 2.21
CA GLY D 43 10.13 -17.69 2.25
C GLY D 43 10.11 -16.29 2.85
N GLU D 44 11.29 -15.69 3.00
CA GLU D 44 11.40 -14.36 3.59
C GLU D 44 12.07 -13.37 2.63
N ALA D 45 11.62 -13.39 1.38
CA ALA D 45 12.23 -12.55 0.35
C ALA D 45 11.71 -11.12 0.37
N ILE D 46 12.62 -10.17 0.15
CA ILE D 46 12.28 -8.77 -0.09
C ILE D 46 12.15 -8.57 -1.61
N ASN D 47 11.11 -7.89 -2.06
CA ASN D 47 10.92 -7.59 -3.48
C ASN D 47 10.86 -6.09 -3.69
N LEU D 48 11.56 -5.61 -4.72
CA LEU D 48 11.57 -4.21 -5.14
C LEU D 48 11.32 -4.14 -6.64
N THR D 49 10.58 -3.13 -7.08
CA THR D 49 10.47 -2.87 -8.52
C THR D 49 11.24 -1.61 -8.94
N VAL D 50 11.78 -1.65 -10.16
CA VAL D 50 12.44 -0.50 -10.76
C VAL D 50 11.89 -0.30 -12.17
N PRO D 51 11.85 0.95 -12.64
CA PRO D 51 11.35 1.21 -14.00
C PRO D 51 12.13 0.46 -15.09
N GLY D 52 11.42 0.07 -16.15
CA GLY D 52 12.00 -0.69 -17.25
C GLY D 52 13.13 -0.05 -18.03
N SER D 53 13.57 1.13 -17.57
CA SER D 53 14.68 1.86 -18.18
C SER D 53 15.99 1.63 -17.41
N GLU D 54 15.89 1.05 -16.22
CA GLU D 54 17.07 0.83 -15.36
C GLU D 54 17.91 -0.39 -15.78
N ARG D 55 19.21 -0.33 -15.49
CA ARG D 55 20.09 -1.47 -15.75
C ARG D 55 21.02 -1.65 -14.59
N SER D 56 20.89 -0.78 -13.60
CA SER D 56 21.78 -0.73 -12.46
C SER D 56 20.96 -0.41 -11.21
N TYR D 57 21.30 -1.07 -10.09
CA TYR D 57 20.61 -0.78 -8.82
C TYR D 57 21.45 -1.08 -7.59
N ASP D 58 21.43 -0.14 -6.64
CA ASP D 58 22.12 -0.31 -5.36
C ASP D 58 21.20 -0.85 -4.29
N LEU D 59 21.41 -2.09 -3.87
CA LEU D 59 20.75 -2.63 -2.68
C LEU D 59 21.50 -2.11 -1.47
N THR D 60 20.75 -1.58 -0.50
CA THR D 60 21.35 -1.06 0.72
C THR D 60 20.65 -1.66 1.93
N GLY D 61 21.19 -1.39 3.12
CA GLY D 61 20.60 -1.87 4.37
C GLY D 61 20.84 -3.34 4.65
N LEU D 62 21.85 -3.92 3.98
CA LEU D 62 22.21 -5.33 4.16
C LEU D 62 23.04 -5.59 5.44
N LYS D 63 22.98 -6.84 5.90
CA LYS D 63 23.70 -7.23 7.11
C LYS D 63 25.17 -7.48 6.76
N PRO D 64 26.10 -7.07 7.65
CA PRO D 64 27.51 -7.40 7.45
C PRO D 64 27.74 -8.92 7.40
N GLY D 65 28.73 -9.35 6.62
CA GLY D 65 29.08 -10.75 6.48
C GLY D 65 27.91 -11.72 6.40
N THR D 66 27.10 -11.60 5.35
CA THR D 66 25.97 -12.52 5.16
C THR D 66 25.84 -12.94 3.71
N GLU D 67 25.49 -14.20 3.51
CA GLU D 67 25.24 -14.73 2.17
C GLU D 67 23.82 -14.43 1.72
N TYR D 68 23.70 -13.80 0.55
CA TYR D 68 22.40 -13.52 -0.07
C TYR D 68 22.25 -14.17 -1.44
N THR D 69 21.00 -14.47 -1.78
CA THR D 69 20.59 -14.85 -3.12
C THR D 69 19.79 -13.68 -3.68
N VAL D 70 20.07 -13.32 -4.93
CA VAL D 70 19.31 -12.26 -5.61
C VAL D 70 18.88 -12.67 -7.03
N SER D 71 17.59 -12.49 -7.33
CA SER D 71 17.04 -12.80 -8.64
C SER D 71 16.34 -11.59 -9.22
N ILE D 72 16.24 -11.55 -10.55
CA ILE D 72 15.63 -10.42 -11.26
C ILE D 72 14.79 -10.88 -12.44
N TYR D 73 13.62 -10.25 -12.59
CA TYR D 73 12.65 -10.66 -13.59
C TYR D 73 12.16 -9.42 -14.35
N GLY D 74 12.08 -9.53 -15.67
CA GLY D 74 11.45 -8.50 -16.47
C GLY D 74 9.95 -8.61 -16.34
N VAL D 75 9.29 -7.46 -16.20
CA VAL D 75 7.83 -7.41 -16.04
C VAL D 75 7.20 -6.67 -17.21
N LEU D 76 6.03 -7.14 -17.64
CA LEU D 76 5.32 -6.56 -18.76
C LEU D 76 3.83 -6.70 -18.48
N GLY D 77 3.18 -5.56 -18.27
CA GLY D 77 1.85 -5.56 -17.67
C GLY D 77 2.14 -5.78 -16.21
N SER D 78 1.36 -6.62 -15.55
CA SER D 78 1.75 -7.08 -14.24
C SER D 78 2.11 -8.55 -14.35
N TYR D 79 2.89 -8.89 -15.38
CA TYR D 79 3.17 -10.28 -15.72
C TYR D 79 4.65 -10.58 -15.87
N VAL D 80 5.02 -11.79 -15.46
CA VAL D 80 6.34 -12.34 -15.70
C VAL D 80 6.15 -13.52 -16.63
N PHE D 81 7.13 -13.78 -17.50
CA PHE D 81 7.15 -14.99 -18.34
C PHE D 81 7.38 -16.23 -17.49
N GLU D 82 6.49 -17.21 -17.66
CA GLU D 82 6.66 -18.48 -16.98
C GLU D 82 8.09 -18.96 -17.08
N HIS D 83 8.72 -18.76 -18.24
CA HIS D 83 10.03 -19.32 -18.51
C HIS D 83 11.14 -18.69 -17.69
N ASP D 84 10.95 -17.41 -17.33
CA ASP D 84 11.89 -16.71 -16.44
C ASP D 84 11.73 -17.14 -14.99
N VAL D 85 10.55 -17.71 -14.68
CA VAL D 85 10.34 -18.33 -13.37
C VAL D 85 11.08 -19.67 -13.33
N MET D 86 10.92 -20.47 -14.38
CA MET D 86 11.59 -21.76 -14.53
C MET D 86 13.10 -21.61 -14.53
N LEU D 87 13.57 -20.56 -15.21
CA LEU D 87 15.00 -20.39 -15.42
C LEU D 87 15.37 -18.94 -15.19
N PRO D 88 15.55 -18.54 -13.92
CA PRO D 88 15.67 -17.14 -13.59
C PRO D 88 17.10 -16.61 -13.74
N LEU D 89 17.23 -15.27 -13.76
CA LEU D 89 18.49 -14.57 -13.67
C LEU D 89 18.87 -14.42 -12.21
N SER D 90 19.80 -15.25 -11.72
CA SER D 90 20.12 -15.30 -10.29
C SER D 90 21.61 -15.16 -10.01
N ALA D 91 21.92 -14.67 -8.82
CA ALA D 91 23.31 -14.56 -8.41
C ALA D 91 23.41 -14.76 -6.92
N GLU D 92 24.58 -15.21 -6.48
CA GLU D 92 24.89 -15.32 -5.06
C GLU D 92 26.07 -14.44 -4.68
N PHE D 93 26.02 -13.87 -3.48
CA PHE D 93 27.11 -13.05 -2.97
C PHE D 93 27.12 -13.08 -1.46
N THR D 94 28.14 -12.44 -0.91
CA THR D 94 28.30 -12.35 0.53
C THR D 94 28.75 -10.92 0.86
N THR D 95 28.07 -10.29 1.82
CA THR D 95 28.48 -8.95 2.24
C THR D 95 29.84 -9.04 2.97
N GLY D 96 30.64 -7.98 2.85
CA GLY D 96 31.88 -7.86 3.60
C GLY D 96 31.63 -7.70 5.09
N GLY D 97 32.70 -7.72 5.89
CA GLY D 97 32.61 -7.58 7.34
C GLY D 97 32.31 -8.86 8.11
N HIS D 98 31.91 -8.68 9.37
CA HIS D 98 31.75 -9.79 10.33
C HIS D 98 30.28 -10.20 10.54
N HIS D 99 30.03 -11.51 10.58
CA HIS D 99 28.68 -12.06 10.85
C HIS D 99 28.37 -12.11 12.35
N MET E 1 -18.40 27.11 -2.86
CA MET E 1 -17.71 25.81 -2.60
C MET E 1 -17.12 25.20 -3.87
N LEU E 2 -15.97 24.54 -3.73
CA LEU E 2 -15.29 23.92 -4.85
C LEU E 2 -16.14 22.86 -5.52
N PRO E 3 -16.22 22.90 -6.86
CA PRO E 3 -17.02 21.99 -7.67
C PRO E 3 -16.45 20.58 -7.71
N ALA E 4 -17.34 19.60 -7.84
CA ALA E 4 -16.94 18.18 -7.91
C ALA E 4 -17.87 17.36 -8.82
N PRO E 5 -17.32 16.37 -9.55
CA PRO E 5 -18.18 15.42 -10.22
C PRO E 5 -18.78 14.43 -9.22
N LYS E 6 -20.06 14.09 -9.42
CA LYS E 6 -20.76 13.09 -8.61
C LYS E 6 -21.47 12.08 -9.52
N ASN E 7 -22.00 11.01 -8.94
CA ASN E 7 -22.81 10.00 -9.64
C ASN E 7 -22.21 9.41 -10.91
N LEU E 8 -21.08 8.71 -10.76
CA LEU E 8 -20.51 7.94 -11.86
C LEU E 8 -21.26 6.63 -12.02
N VAL E 9 -22.02 6.50 -13.09
CA VAL E 9 -22.70 5.24 -13.40
C VAL E 9 -22.12 4.63 -14.67
N VAL E 10 -22.15 3.31 -14.75
CA VAL E 10 -21.73 2.60 -15.95
C VAL E 10 -22.96 1.86 -16.48
N SER E 11 -23.14 1.91 -17.79
CA SER E 11 -24.32 1.32 -18.41
C SER E 11 -23.95 0.72 -19.76
N GLU E 12 -24.86 -0.13 -20.27
CA GLU E 12 -24.71 -0.80 -21.58
C GLU E 12 -23.34 -1.51 -21.75
N VAL E 13 -23.09 -2.46 -20.85
CA VAL E 13 -21.82 -3.18 -20.76
C VAL E 13 -21.81 -4.43 -21.65
N THR E 14 -20.80 -4.52 -22.52
CA THR E 14 -20.57 -5.72 -23.36
C THR E 14 -19.23 -6.39 -23.02
N GLU E 15 -18.74 -7.20 -23.94
CA GLU E 15 -17.46 -7.90 -23.73
C GLU E 15 -16.31 -6.93 -23.82
N ASP E 16 -16.42 -5.94 -24.71
CA ASP E 16 -15.31 -5.05 -25.01
C ASP E 16 -15.56 -3.58 -24.69
N SER E 17 -16.76 -3.26 -24.23
CA SER E 17 -17.17 -1.86 -24.09
C SER E 17 -18.17 -1.58 -22.98
N LEU E 18 -18.20 -0.31 -22.55
CA LEU E 18 -19.17 0.20 -21.57
C LEU E 18 -19.25 1.71 -21.71
N ARG E 19 -20.39 2.29 -21.34
CA ARG E 19 -20.58 3.73 -21.34
C ARG E 19 -20.59 4.28 -19.92
N LEU E 20 -19.79 5.32 -19.72
CA LEU E 20 -19.71 6.00 -18.43
C LEU E 20 -20.56 7.26 -18.45
N SER E 21 -21.17 7.57 -17.32
CA SER E 21 -21.99 8.79 -17.21
C SER E 21 -21.77 9.46 -15.86
N TRP E 22 -21.54 10.77 -15.88
CA TRP E 22 -21.38 11.52 -14.66
C TRP E 22 -22.15 12.84 -14.65
N THR E 23 -22.30 13.40 -13.46
CA THR E 23 -22.93 14.68 -13.23
C THR E 23 -21.87 15.61 -12.68
N ALA E 24 -21.81 16.83 -13.21
CA ALA E 24 -20.91 17.86 -12.72
C ALA E 24 -21.58 19.21 -12.95
N PRO E 25 -21.27 20.21 -12.10
CA PRO E 25 -22.02 21.46 -12.26
C PRO E 25 -21.63 22.18 -13.56
N ASP E 26 -22.54 22.98 -14.11
CA ASP E 26 -22.33 23.64 -15.40
C ASP E 26 -21.10 24.55 -15.44
N ALA E 27 -20.23 24.29 -16.43
CA ALA E 27 -19.01 25.07 -16.68
C ALA E 27 -17.94 24.99 -15.58
N ALA E 28 -18.12 24.03 -14.67
CA ALA E 28 -17.16 23.83 -13.58
C ALA E 28 -15.76 23.52 -14.07
N PHE E 29 -15.65 22.62 -15.05
CA PHE E 29 -14.36 22.08 -15.44
C PHE E 29 -14.03 22.32 -16.91
N ASP E 30 -12.75 22.51 -17.20
CA ASP E 30 -12.26 22.59 -18.58
C ASP E 30 -12.37 21.22 -19.26
N SER E 31 -12.03 20.16 -18.51
CA SER E 31 -12.03 18.80 -19.04
C SER E 31 -12.13 17.79 -17.91
N PHE E 32 -12.35 16.54 -18.29
CA PHE E 32 -12.38 15.45 -17.35
C PHE E 32 -11.33 14.44 -17.74
N LEU E 33 -10.61 13.93 -16.74
CA LEU E 33 -9.71 12.80 -16.96
C LEU E 33 -10.42 11.56 -16.48
N ILE E 34 -10.57 10.61 -17.40
CA ILE E 34 -11.08 9.30 -17.07
C ILE E 34 -9.89 8.35 -17.13
N GLN E 35 -9.63 7.66 -16.03
CA GLN E 35 -8.68 6.55 -16.08
C GLN E 35 -9.21 5.25 -15.54
N TYR E 36 -8.87 4.17 -16.25
CA TYR E 36 -9.30 2.84 -15.86
C TYR E 36 -8.15 1.85 -15.99
N GLN E 37 -8.25 0.76 -15.25
CA GLN E 37 -7.42 -0.42 -15.48
C GLN E 37 -8.08 -1.58 -14.75
N GLU E 38 -7.55 -2.79 -14.97
CA GLU E 38 -7.97 -3.99 -14.28
C GLU E 38 -7.85 -3.82 -12.77
N SER E 39 -8.64 -4.58 -12.02
CA SER E 39 -8.79 -4.38 -10.57
C SER E 39 -7.62 -4.63 -9.60
N GLU E 40 -6.56 -5.32 -10.02
CA GLU E 40 -5.32 -5.24 -9.23
C GLU E 40 -4.56 -3.99 -9.69
N LYS E 41 -3.25 -4.02 -9.69
CA LYS E 41 -2.51 -3.00 -10.43
C LYS E 41 -2.09 -3.65 -11.74
N VAL E 42 -3.03 -4.36 -12.36
CA VAL E 42 -2.73 -5.18 -13.53
C VAL E 42 -2.74 -4.37 -14.82
N GLY E 43 -1.59 -4.37 -15.50
CA GLY E 43 -1.42 -3.65 -16.76
C GLY E 43 -1.26 -2.16 -16.56
N GLU E 44 -1.14 -1.44 -17.67
CA GLU E 44 -1.05 0.01 -17.64
C GLU E 44 -2.44 0.63 -17.44
N ALA E 45 -2.51 1.65 -16.57
CA ALA E 45 -3.71 2.43 -16.39
C ALA E 45 -3.93 3.27 -17.66
N ILE E 46 -5.09 3.10 -18.29
CA ILE E 46 -5.40 3.81 -19.54
C ILE E 46 -6.06 5.17 -19.28
N ASN E 47 -5.55 6.21 -19.95
CA ASN E 47 -6.02 7.59 -19.78
C ASN E 47 -6.82 8.14 -20.96
N LEU E 48 -7.98 8.70 -20.66
CA LEU E 48 -8.82 9.34 -21.67
C LEU E 48 -9.26 10.76 -21.30
N THR E 49 -8.85 11.73 -22.13
CA THR E 49 -9.31 13.12 -22.02
C THR E 49 -10.72 13.26 -22.57
N VAL E 50 -11.52 14.10 -21.92
CA VAL E 50 -12.86 14.41 -22.39
C VAL E 50 -13.21 15.86 -22.07
N PRO E 51 -13.81 16.60 -23.03
CA PRO E 51 -14.02 18.04 -22.82
C PRO E 51 -14.95 18.32 -21.66
N GLY E 52 -14.77 19.45 -21.00
CA GLY E 52 -15.57 19.81 -19.82
C GLY E 52 -17.07 19.81 -20.03
N SER E 53 -17.48 19.92 -21.30
CA SER E 53 -18.89 20.04 -21.69
C SER E 53 -19.65 18.71 -21.73
N GLU E 54 -18.93 17.60 -21.86
CA GLU E 54 -19.57 16.29 -21.97
C GLU E 54 -19.77 15.65 -20.59
N ARG E 55 -20.81 14.81 -20.49
CA ARG E 55 -21.20 14.19 -19.22
C ARG E 55 -21.36 12.68 -19.40
N SER E 56 -20.73 12.14 -20.44
CA SER E 56 -20.82 10.73 -20.78
C SER E 56 -19.73 10.38 -21.80
N TYR E 57 -19.41 9.09 -21.91
CA TYR E 57 -18.33 8.61 -22.77
C TYR E 57 -18.40 7.09 -22.91
N ASP E 58 -18.13 6.60 -24.12
CA ASP E 58 -18.06 5.17 -24.37
C ASP E 58 -16.61 4.70 -24.33
N LEU E 59 -16.37 3.62 -23.58
CA LEU E 59 -15.04 2.98 -23.48
C LEU E 59 -15.04 1.72 -24.34
N THR E 60 -14.01 1.56 -25.17
CA THR E 60 -13.93 0.38 -26.04
C THR E 60 -12.55 -0.23 -26.03
N GLY E 61 -12.47 -1.51 -26.39
CA GLY E 61 -11.18 -2.20 -26.47
C GLY E 61 -10.83 -2.93 -25.17
N LEU E 62 -11.85 -3.24 -24.36
CA LEU E 62 -11.68 -3.93 -23.09
C LEU E 62 -11.68 -5.46 -23.26
N LYS E 63 -11.12 -6.15 -22.26
CA LYS E 63 -11.09 -7.61 -22.25
C LYS E 63 -12.40 -8.17 -21.71
N PRO E 64 -12.95 -9.22 -22.34
CA PRO E 64 -14.15 -9.88 -21.84
C PRO E 64 -13.96 -10.46 -20.43
N GLY E 65 -15.04 -10.66 -19.70
CA GLY E 65 -15.00 -11.23 -18.34
C GLY E 65 -13.87 -10.72 -17.46
N THR E 66 -13.70 -9.40 -17.43
CA THR E 66 -12.64 -8.78 -16.65
C THR E 66 -13.20 -7.66 -15.79
N GLU E 67 -12.69 -7.58 -14.56
CA GLU E 67 -13.10 -6.56 -13.60
C GLU E 67 -12.21 -5.34 -13.76
N TYR E 68 -12.83 -4.19 -14.00
CA TYR E 68 -12.09 -2.95 -14.11
C TYR E 68 -12.48 -1.95 -13.03
N THR E 69 -11.55 -1.04 -12.75
CA THR E 69 -11.78 0.10 -11.86
C THR E 69 -11.63 1.36 -12.71
N VAL E 70 -12.59 2.28 -12.58
CA VAL E 70 -12.59 3.51 -13.36
C VAL E 70 -12.71 4.70 -12.44
N SER E 71 -11.98 5.76 -12.76
CA SER E 71 -11.98 7.00 -11.98
C SER E 71 -12.11 8.23 -12.88
N ILE E 72 -12.89 9.21 -12.43
CA ILE E 72 -12.99 10.46 -13.18
C ILE E 72 -12.58 11.67 -12.35
N TYR E 73 -11.81 12.55 -12.97
CA TYR E 73 -11.32 13.77 -12.34
C TYR E 73 -11.73 14.94 -13.19
N GLY E 74 -12.34 15.94 -12.55
CA GLY E 74 -12.54 17.24 -13.18
C GLY E 74 -11.19 17.94 -13.22
N VAL E 75 -10.93 18.61 -14.34
CA VAL E 75 -9.64 19.26 -14.59
C VAL E 75 -9.85 20.76 -14.79
N LEU E 76 -9.05 21.57 -14.09
CA LEU E 76 -9.05 23.02 -14.28
C LEU E 76 -7.73 23.43 -14.90
N GLY E 77 -7.76 23.85 -16.15
CA GLY E 77 -6.53 24.06 -16.91
C GLY E 77 -5.73 22.75 -17.00
N SER E 78 -4.64 22.71 -16.25
CA SER E 78 -3.69 21.61 -16.26
C SER E 78 -3.67 20.88 -14.93
N TYR E 79 -4.52 21.30 -14.01
CA TYR E 79 -4.45 20.84 -12.64
C TYR E 79 -5.67 20.03 -12.24
N VAL E 80 -5.48 19.09 -11.31
CA VAL E 80 -6.60 18.44 -10.60
C VAL E 80 -6.50 18.82 -9.11
N PHE E 81 -7.61 18.79 -8.37
CA PHE E 81 -7.54 19.00 -6.93
C PHE E 81 -6.82 17.84 -6.22
N GLU E 82 -5.98 18.20 -5.24
CA GLU E 82 -5.35 17.21 -4.37
C GLU E 82 -6.37 16.27 -3.74
N HIS E 83 -7.46 16.84 -3.22
CA HIS E 83 -8.46 16.00 -2.56
C HIS E 83 -9.08 14.95 -3.49
N ASP E 84 -9.12 15.23 -4.80
CA ASP E 84 -9.64 14.26 -5.79
C ASP E 84 -8.65 13.14 -6.09
N VAL E 85 -7.36 13.46 -6.03
CA VAL E 85 -6.32 12.46 -6.14
C VAL E 85 -6.37 11.54 -4.91
N MET E 86 -6.61 12.12 -3.74
CA MET E 86 -6.67 11.36 -2.49
C MET E 86 -7.89 10.44 -2.39
N LEU E 87 -9.02 10.90 -2.92
CA LEU E 87 -10.24 10.10 -2.90
C LEU E 87 -11.04 10.34 -4.18
N PRO E 88 -10.65 9.69 -5.29
CA PRO E 88 -11.31 9.93 -6.57
C PRO E 88 -12.70 9.33 -6.65
N LEU E 89 -13.58 9.95 -7.43
CA LEU E 89 -14.85 9.33 -7.76
C LEU E 89 -14.57 8.13 -8.66
N SER E 90 -14.90 6.95 -8.15
CA SER E 90 -14.58 5.67 -8.77
C SER E 90 -15.80 4.77 -8.91
N ALA E 91 -15.64 3.75 -9.74
CA ALA E 91 -16.58 2.64 -9.79
C ALA E 91 -15.85 1.40 -10.26
N GLU E 92 -16.37 0.26 -9.83
CA GLU E 92 -15.88 -1.02 -10.33
C GLU E 92 -16.97 -1.61 -11.21
N PHE E 93 -16.56 -2.12 -12.34
CA PHE E 93 -17.49 -2.80 -13.23
C PHE E 93 -16.83 -4.06 -13.78
N THR E 94 -17.65 -4.93 -14.37
CA THR E 94 -17.16 -6.13 -15.02
C THR E 94 -17.73 -6.22 -16.44
N THR E 95 -16.84 -6.40 -17.41
CA THR E 95 -17.24 -6.73 -18.78
C THR E 95 -18.01 -8.07 -18.81
N GLY E 96 -18.84 -8.26 -19.83
CA GLY E 96 -19.57 -9.51 -20.05
C GLY E 96 -18.69 -10.55 -20.70
N GLY E 97 -19.16 -11.79 -20.77
CA GLY E 97 -18.37 -12.88 -21.31
C GLY E 97 -17.46 -13.52 -20.26
N HIS E 98 -16.57 -14.41 -20.68
CA HIS E 98 -15.71 -15.15 -19.75
C HIS E 98 -14.20 -15.01 -20.03
N LYS F 6 -17.01 26.29 15.77
CA LYS F 6 -18.13 26.04 16.71
C LYS F 6 -18.86 24.72 16.44
N ASN F 7 -19.12 24.39 15.17
CA ASN F 7 -19.97 23.23 14.82
C ASN F 7 -19.48 22.35 13.66
N LEU F 8 -19.95 21.11 13.65
CA LEU F 8 -19.82 20.20 12.49
C LEU F 8 -21.12 19.39 12.31
N VAL F 9 -21.90 19.72 11.28
CA VAL F 9 -23.23 19.11 11.07
C VAL F 9 -23.31 18.22 9.82
N VAL F 10 -23.94 17.05 9.98
CA VAL F 10 -24.28 16.17 8.85
C VAL F 10 -25.65 16.55 8.28
N SER F 11 -25.69 16.85 6.98
CA SER F 11 -26.93 17.14 6.27
C SER F 11 -26.95 16.41 4.92
N GLU F 12 -28.13 16.34 4.30
CA GLU F 12 -28.31 15.62 3.02
C GLU F 12 -27.77 14.18 3.09
N VAL F 13 -28.23 13.44 4.10
CA VAL F 13 -27.78 12.07 4.36
C VAL F 13 -28.47 11.06 3.44
N THR F 14 -27.69 10.44 2.56
CA THR F 14 -28.19 9.38 1.68
C THR F 14 -27.64 8.01 2.11
N GLU F 15 -27.40 7.13 1.14
CA GLU F 15 -26.85 5.80 1.41
C GLU F 15 -25.38 5.65 0.99
N ASP F 16 -24.92 6.51 0.08
CA ASP F 16 -23.52 6.52 -0.38
C ASP F 16 -22.89 7.91 -0.43
N SER F 17 -23.70 8.94 -0.20
CA SER F 17 -23.23 10.32 -0.19
C SER F 17 -23.66 11.06 1.07
N LEU F 18 -22.91 12.09 1.42
CA LEU F 18 -23.19 12.91 2.59
C LEU F 18 -22.62 14.30 2.35
N ARG F 19 -23.26 15.32 2.94
CA ARG F 19 -22.73 16.70 2.92
C ARG F 19 -22.21 17.10 4.32
N LEU F 20 -20.92 17.42 4.41
CA LEU F 20 -20.32 17.94 5.63
C LEU F 20 -20.36 19.46 5.61
N SER F 21 -20.52 20.07 6.78
CA SER F 21 -20.51 21.52 6.91
C SER F 21 -19.81 21.92 8.21
N TRP F 22 -18.86 22.84 8.11
CA TRP F 22 -18.11 23.28 9.28
C TRP F 22 -17.88 24.79 9.34
N THR F 23 -17.46 25.26 10.51
CA THR F 23 -17.09 26.65 10.69
C THR F 23 -15.73 26.80 11.34
N ALA F 24 -14.96 27.77 10.83
CA ALA F 24 -13.66 28.14 11.36
C ALA F 24 -13.46 29.63 11.13
N PRO F 25 -12.71 30.31 12.02
CA PRO F 25 -12.41 31.74 11.85
C PRO F 25 -11.71 32.06 10.52
N ASP F 26 -12.20 33.06 9.79
CA ASP F 26 -11.66 33.43 8.47
C ASP F 26 -10.15 33.66 8.48
N ALA F 27 -9.45 32.96 7.58
CA ALA F 27 -7.98 33.06 7.39
C ALA F 27 -7.10 32.35 8.44
N ALA F 28 -7.72 31.53 9.29
CA ALA F 28 -6.96 30.80 10.32
C ALA F 28 -6.16 29.63 9.77
N PHE F 29 -6.76 28.86 8.86
CA PHE F 29 -6.11 27.65 8.35
C PHE F 29 -5.77 27.68 6.86
N ASP F 30 -4.70 26.98 6.49
CA ASP F 30 -4.31 26.79 5.08
C ASP F 30 -5.16 25.69 4.45
N SER F 31 -5.63 24.77 5.29
CA SER F 31 -6.10 23.47 4.86
C SER F 31 -6.96 22.88 5.97
N PHE F 32 -7.90 22.02 5.60
CA PHE F 32 -8.65 21.21 6.57
C PHE F 32 -8.42 19.71 6.31
N LEU F 33 -7.98 18.99 7.34
CA LEU F 33 -7.88 17.54 7.28
C LEU F 33 -9.20 16.94 7.73
N ILE F 34 -9.90 16.32 6.78
CA ILE F 34 -11.11 15.55 7.04
C ILE F 34 -10.73 14.07 7.19
N GLN F 35 -11.08 13.48 8.33
CA GLN F 35 -10.79 12.07 8.57
C GLN F 35 -12.07 11.33 8.95
N TYR F 36 -12.30 10.19 8.31
CA TYR F 36 -13.48 9.40 8.61
C TYR F 36 -13.26 7.88 8.51
N GLN F 37 -14.09 7.11 9.21
CA GLN F 37 -14.04 5.64 9.20
C GLN F 37 -15.31 5.02 9.80
N ALA F 45 -9.60 4.13 7.73
CA ALA F 45 -8.84 5.35 7.99
C ALA F 45 -8.64 6.21 6.71
N ILE F 46 -9.73 6.79 6.20
CA ILE F 46 -9.69 7.62 4.99
C ILE F 46 -9.34 9.11 5.25
N ASN F 47 -8.26 9.56 4.64
CA ASN F 47 -7.75 10.92 4.80
C ASN F 47 -7.95 11.81 3.58
N LEU F 48 -8.58 12.96 3.81
CA LEU F 48 -8.93 13.91 2.78
C LEU F 48 -8.50 15.32 3.22
N THR F 49 -7.98 16.09 2.27
CA THR F 49 -7.41 17.40 2.53
C THR F 49 -8.07 18.44 1.60
N VAL F 50 -8.85 19.36 2.16
CA VAL F 50 -9.48 20.44 1.36
C VAL F 50 -8.82 21.80 1.65
N PRO F 51 -8.90 22.75 0.69
CA PRO F 51 -8.29 24.08 0.94
C PRO F 51 -8.92 24.83 2.12
N GLY F 52 -8.15 25.73 2.74
CA GLY F 52 -8.57 26.47 3.94
C GLY F 52 -9.72 27.47 3.83
N SER F 53 -10.19 27.70 2.60
CA SER F 53 -11.31 28.60 2.34
C SER F 53 -12.65 27.86 2.33
N GLU F 54 -12.61 26.54 2.50
CA GLU F 54 -13.79 25.68 2.37
C GLU F 54 -14.49 25.47 3.69
N ARG F 55 -15.81 25.45 3.65
CA ARG F 55 -16.63 25.27 4.85
C ARG F 55 -17.62 24.11 4.72
N SER F 56 -17.45 23.33 3.64
CA SER F 56 -18.32 22.21 3.31
C SER F 56 -17.71 21.35 2.21
N TYR F 57 -18.09 20.07 2.20
CA TYR F 57 -17.56 19.08 1.26
C TYR F 57 -18.52 17.90 1.19
N ASP F 58 -18.64 17.31 0.00
CA ASP F 58 -19.52 16.16 -0.18
C ASP F 58 -18.75 14.83 -0.17
N LEU F 59 -19.04 13.98 0.82
CA LEU F 59 -18.41 12.67 0.92
C LEU F 59 -19.08 11.67 -0.01
N THR F 60 -18.25 11.01 -0.82
CA THR F 60 -18.74 10.13 -1.88
C THR F 60 -18.23 8.70 -1.72
N GLY F 61 -18.96 7.74 -2.30
CA GLY F 61 -18.58 6.31 -2.31
C GLY F 61 -18.61 5.61 -0.96
N LEU F 62 -19.69 5.80 -0.21
CA LEU F 62 -19.82 5.24 1.13
C LEU F 62 -20.63 3.93 1.12
N LYS F 63 -20.24 3.00 1.98
CA LYS F 63 -20.97 1.74 2.17
C LYS F 63 -22.39 1.98 2.71
N PRO F 64 -23.40 1.31 2.13
CA PRO F 64 -24.83 1.55 2.42
C PRO F 64 -25.24 1.31 3.89
N GLY F 65 -25.91 2.31 4.48
CA GLY F 65 -26.47 2.21 5.83
C GLY F 65 -25.48 1.96 6.96
N THR F 66 -24.19 1.94 6.64
CA THR F 66 -23.13 1.73 7.63
C THR F 66 -22.95 3.02 8.46
N GLU F 67 -22.55 2.85 9.72
CA GLU F 67 -22.40 3.97 10.65
C GLU F 67 -20.94 4.45 10.74
N TYR F 68 -20.78 5.77 10.80
CA TYR F 68 -19.49 6.41 10.57
C TYR F 68 -19.12 7.44 11.63
N THR F 69 -17.81 7.62 11.82
CA THR F 69 -17.25 8.73 12.58
C THR F 69 -16.51 9.65 11.62
N VAL F 70 -16.80 10.95 11.68
CA VAL F 70 -16.02 11.93 10.92
C VAL F 70 -15.48 13.03 11.86
N SER F 71 -14.24 13.43 11.62
CA SER F 71 -13.59 14.51 12.36
C SER F 71 -12.99 15.49 11.37
N ILE F 72 -12.71 16.70 11.85
CA ILE F 72 -12.09 17.71 10.99
C ILE F 72 -11.04 18.51 11.77
N TYR F 73 -9.91 18.75 11.15
CA TYR F 73 -8.78 19.41 11.80
C TYR F 73 -8.23 20.53 10.93
N GLY F 74 -8.09 21.72 11.52
CA GLY F 74 -7.48 22.83 10.83
C GLY F 74 -5.98 22.61 10.78
N VAL F 75 -5.41 22.88 9.61
CA VAL F 75 -3.99 22.65 9.33
C VAL F 75 -3.30 23.99 9.07
N LEU F 76 -2.18 24.21 9.76
CA LEU F 76 -1.29 25.36 9.56
C LEU F 76 0.06 24.89 9.08
N GLY F 77 0.33 25.04 7.79
CA GLY F 77 1.52 24.46 7.17
C GLY F 77 1.41 22.94 7.20
N SER F 78 2.22 22.32 8.06
CA SER F 78 2.20 20.86 8.23
C SER F 78 1.83 20.43 9.67
N TYR F 79 1.25 21.38 10.42
CA TYR F 79 0.91 21.18 11.81
C TYR F 79 -0.60 21.22 12.07
N VAL F 80 -1.03 20.46 13.08
CA VAL F 80 -2.34 20.61 13.68
C VAL F 80 -2.11 20.98 15.15
N PHE F 81 -2.94 21.89 15.68
CA PHE F 81 -2.97 22.21 17.12
C PHE F 81 -3.19 20.93 17.90
N GLU F 82 -2.39 20.74 18.95
CA GLU F 82 -2.54 19.62 19.86
C GLU F 82 -3.93 19.62 20.48
N HIS F 83 -4.45 20.83 20.74
CA HIS F 83 -5.78 20.96 21.33
C HIS F 83 -6.88 20.39 20.44
N ASP F 84 -6.62 20.32 19.12
CA ASP F 84 -7.60 19.77 18.17
C ASP F 84 -7.48 18.26 18.01
N VAL F 85 -6.35 17.70 18.45
CA VAL F 85 -6.18 16.26 18.52
C VAL F 85 -6.77 15.82 19.85
N MET F 86 -6.41 16.54 20.91
CA MET F 86 -6.92 16.28 22.25
C MET F 86 -8.46 16.37 22.29
N LEU F 87 -9.00 17.38 21.62
CA LEU F 87 -10.46 17.58 21.54
C LEU F 87 -10.96 17.70 20.10
N PRO F 88 -11.08 16.56 19.38
CA PRO F 88 -11.45 16.59 17.96
C PRO F 88 -12.86 17.14 17.70
N LEU F 89 -12.99 17.93 16.64
CA LEU F 89 -14.30 18.31 16.14
C LEU F 89 -14.89 17.10 15.39
N SER F 90 -15.83 16.41 16.03
CA SER F 90 -16.31 15.12 15.50
C SER F 90 -17.82 15.02 15.38
N ALA F 91 -18.26 14.07 14.55
CA ALA F 91 -19.68 13.76 14.35
C ALA F 91 -19.85 12.30 13.96
N GLU F 92 -21.07 11.79 14.06
CA GLU F 92 -21.35 10.40 13.68
C GLU F 92 -22.56 10.24 12.78
N PHE F 93 -22.61 9.10 12.08
CA PHE F 93 -23.72 8.74 11.19
C PHE F 93 -23.56 7.33 10.63
#